data_9FFD
#
_entry.id   9FFD
#
_cell.length_a   46.228
_cell.length_b   48.791
_cell.length_c   83.314
_cell.angle_alpha   74.12
_cell.angle_beta   85.35
_cell.angle_gamma   69.60
#
_symmetry.space_group_name_H-M   'P 1'
#
loop_
_entity.id
_entity.type
_entity.pdbx_description
1 polymer 'Aldo-keto reductase family 1 member C3'
2 non-polymer 'NADP NICOTINAMIDE-ADENINE-DINUCLEOTIDE PHOSPHATE'
3 non-polymer ~{N}-(4-bromanyl-2-methyl-phenyl)-2-[methyl-[(8-methyl-7-oxidanyl-2-oxidanylidene-chromen-4-yl)methyl]amino]ethanamide
4 non-polymer 1,2-ETHANEDIOL
5 non-polymer '2-(N-MORPHOLINO)-ETHANESULFONIC ACID'
6 water water
#
_entity_poly.entity_id   1
_entity_poly.type   'polypeptide(L)'
_entity_poly.pdbx_seq_one_letter_code
;MDSKQQCVKLNDGHFMPVLGFGTYAPPEVPRSKALEVTKLAIEAGFRHIDSAHLYNNEEQVGLAIRSKIADGSVKREDIF
YTSKLWSTFHRPELVRPALENSLKKAQLDYVDLYLIHSPMSLKPGEELSPTDENGKVIFDIVDLCTTWEAMEKCKDAGLA
KSIGVSNFNRRQLEMILNKPGLKYKPVCNQVECHPYFNRSKLLDFCKSKDIVLVAYSALGSQRDKRWVDPNSPVLLEDPV
LCALAKKHKRTPALIALRYQLQRGVVVLAKSYNEQRIRQNVQVFEFQLTAEDMKAIDGLDRNLHYFNSDSFASHPNYPYS
DEY
;
_entity_poly.pdbx_strand_id   A,B
#
# COMPACT_ATOMS: atom_id res chain seq x y z
N GLN A 6 7.64 19.42 21.84
CA GLN A 6 6.45 18.58 21.87
C GLN A 6 6.85 17.11 21.96
N CYS A 7 7.96 16.88 22.65
CA CYS A 7 8.46 15.52 22.87
C CYS A 7 8.70 15.31 24.36
N VAL A 8 8.78 14.04 24.73
CA VAL A 8 9.24 13.65 26.06
C VAL A 8 10.55 12.87 25.89
N LYS A 9 11.47 13.08 26.83
CA LYS A 9 12.76 12.38 26.78
C LYS A 9 12.61 11.01 27.44
N LEU A 10 12.93 9.95 26.69
CA LEU A 10 12.84 8.59 27.18
C LEU A 10 14.05 8.27 28.07
N ASN A 11 13.96 7.16 28.80
CA ASN A 11 15.00 6.81 29.76
C ASN A 11 16.26 6.29 29.11
N ASP A 12 16.30 6.17 27.77
CA ASP A 12 17.53 5.90 27.05
C ASP A 12 18.06 7.14 26.33
N GLY A 13 17.47 8.32 26.57
CA GLY A 13 17.94 9.56 25.99
C GLY A 13 17.32 9.95 24.67
N HIS A 14 16.58 9.05 24.02
CA HIS A 14 15.87 9.39 22.80
C HIS A 14 14.59 10.15 23.13
N PHE A 15 14.05 10.82 22.13
CA PHE A 15 12.86 11.66 22.30
C PHE A 15 11.69 11.08 21.52
N MET A 16 10.52 11.08 22.15
CA MET A 16 9.28 10.57 21.58
C MET A 16 8.27 11.70 21.48
N PRO A 17 7.73 12.01 20.30
CA PRO A 17 6.68 13.01 20.22
C PRO A 17 5.47 12.58 21.05
N VAL A 18 4.87 13.55 21.75
CA VAL A 18 3.84 13.16 22.72
C VAL A 18 2.49 12.89 22.07
N LEU A 19 2.30 13.23 20.80
CA LEU A 19 1.09 12.90 20.07
C LEU A 19 1.46 11.94 18.95
N GLY A 20 0.81 10.78 18.91
CA GLY A 20 1.12 9.76 17.93
C GLY A 20 -0.09 9.42 17.08
N PHE A 21 0.19 9.04 15.83
CA PHE A 21 -0.84 8.67 14.87
C PHE A 21 -1.07 7.17 14.93
N GLY A 22 -2.29 6.75 15.22
CA GLY A 22 -2.64 5.33 15.21
C GLY A 22 -3.01 4.87 13.82
N THR A 23 -2.41 3.76 13.39
CA THR A 23 -2.57 3.35 12.00
C THR A 23 -3.47 2.13 11.82
N TYR A 24 -3.95 1.53 12.90
CA TYR A 24 -4.71 0.30 12.72
C TYR A 24 -6.06 0.60 12.09
N ALA A 25 -6.45 -0.21 11.11
CA ALA A 25 -7.79 -0.23 10.55
C ALA A 25 -8.19 -1.69 10.36
N PRO A 26 -9.47 -2.00 10.51
CA PRO A 26 -9.90 -3.41 10.39
C PRO A 26 -9.70 -3.93 8.98
N PRO A 27 -9.65 -5.25 8.80
CA PRO A 27 -9.33 -5.80 7.47
C PRO A 27 -10.27 -5.36 6.37
N GLU A 28 -11.48 -4.91 6.70
CA GLU A 28 -12.42 -4.49 5.67
C GLU A 28 -12.00 -3.19 5.01
N VAL A 29 -11.03 -2.47 5.57
CA VAL A 29 -10.56 -1.21 5.02
C VAL A 29 -9.47 -1.52 4.03
N PRO A 30 -9.55 -1.07 2.77
CA PRO A 30 -8.52 -1.39 1.78
C PRO A 30 -7.15 -0.94 2.27
N ARG A 31 -6.13 -1.73 1.97
CA ARG A 31 -4.79 -1.43 2.43
C ARG A 31 -4.26 -0.11 1.88
N SER A 32 -4.77 0.36 0.74
CA SER A 32 -4.31 1.62 0.20
C SER A 32 -4.66 2.80 1.11
N LYS A 33 -5.69 2.65 1.95
CA LYS A 33 -6.08 3.76 2.83
C LYS A 33 -4.97 4.08 3.82
N ALA A 34 -4.32 3.06 4.38
CA ALA A 34 -3.24 3.31 5.33
C ALA A 34 -2.16 4.18 4.71
N LEU A 35 -1.83 3.92 3.43
CA LEU A 35 -0.88 4.77 2.72
C LEU A 35 -1.37 6.21 2.67
N GLU A 36 -2.62 6.40 2.21
CA GLU A 36 -3.14 7.74 2.01
C GLU A 36 -3.21 8.50 3.33
N VAL A 37 -3.74 7.88 4.38
CA VAL A 37 -3.99 8.62 5.61
C VAL A 37 -2.69 8.87 6.37
N THR A 38 -1.70 7.99 6.23
CA THR A 38 -0.42 8.26 6.89
C THR A 38 0.25 9.48 6.29
N LYS A 39 0.16 9.64 4.97
CA LYS A 39 0.62 10.87 4.34
C LYS A 39 -0.15 12.07 4.90
N LEU A 40 -1.46 11.96 4.99
CA LEU A 40 -2.23 13.08 5.53
C LEU A 40 -1.82 13.40 6.97
N ALA A 41 -1.50 12.37 7.75
CA ALA A 41 -1.12 12.61 9.14
C ALA A 41 0.20 13.36 9.21
N ILE A 42 1.16 12.96 8.37
CA ILE A 42 2.44 13.68 8.35
C ILE A 42 2.23 15.11 7.86
N GLU A 43 1.38 15.28 6.83
CA GLU A 43 1.08 16.62 6.32
C GLU A 43 0.42 17.46 7.41
N ALA A 44 -0.40 16.82 8.25
CA ALA A 44 -1.08 17.54 9.32
C ALA A 44 -0.14 17.90 10.45
N GLY A 45 1.00 17.23 10.58
CA GLY A 45 1.98 17.54 11.60
C GLY A 45 2.29 16.40 12.55
N PHE A 46 1.64 15.25 12.42
CA PHE A 46 2.06 14.09 13.21
C PHE A 46 3.49 13.70 12.82
N ARG A 47 4.28 13.34 13.82
CA ARG A 47 5.63 12.88 13.60
C ARG A 47 5.90 11.52 14.24
N HIS A 48 5.00 11.06 15.09
CA HIS A 48 5.04 9.77 15.78
C HIS A 48 3.98 8.92 15.09
N ILE A 49 4.40 7.78 14.55
CA ILE A 49 3.51 6.89 13.79
C ILE A 49 3.57 5.51 14.42
N ASP A 50 2.41 4.98 14.78
CA ASP A 50 2.36 3.73 15.55
C ASP A 50 1.80 2.61 14.67
N SER A 51 2.62 1.59 14.42
CA SER A 51 2.20 0.45 13.62
C SER A 51 2.60 -0.85 14.31
N ALA A 52 2.54 -1.96 13.60
CA ALA A 52 2.76 -3.26 14.22
C ALA A 52 2.72 -4.33 13.15
N HIS A 53 3.43 -5.43 13.39
CA HIS A 53 3.31 -6.54 12.47
C HIS A 53 1.87 -6.99 12.34
N LEU A 54 1.13 -6.99 13.45
CA LEU A 54 -0.24 -7.49 13.46
C LEU A 54 -1.16 -6.72 12.53
N TYR A 55 -0.87 -5.44 12.30
CA TYR A 55 -1.82 -4.57 11.63
C TYR A 55 -1.87 -4.75 10.12
N ASN A 56 -0.99 -5.56 9.55
CA ASN A 56 -0.94 -5.80 8.11
C ASN A 56 -0.95 -4.48 7.34
N ASN A 57 -0.11 -3.54 7.80
CA ASN A 57 -0.02 -2.27 7.10
C ASN A 57 1.38 -1.65 7.11
N GLU A 58 2.41 -2.35 7.60
CA GLU A 58 3.73 -1.73 7.68
C GLU A 58 4.25 -1.35 6.30
N GLU A 59 3.93 -2.14 5.28
CA GLU A 59 4.38 -1.80 3.94
C GLU A 59 3.79 -0.47 3.48
N GLN A 60 2.52 -0.25 3.79
CA GLN A 60 1.87 0.99 3.36
C GLN A 60 2.29 2.17 4.22
N VAL A 61 2.45 1.96 5.53
CA VAL A 61 2.90 3.03 6.39
C VAL A 61 4.31 3.45 6.02
N GLY A 62 5.18 2.48 5.75
CA GLY A 62 6.53 2.81 5.32
C GLY A 62 6.56 3.52 3.98
N LEU A 63 5.68 3.13 3.07
CA LEU A 63 5.60 3.81 1.79
C LEU A 63 5.15 5.26 1.96
N ALA A 64 4.26 5.51 2.91
CA ALA A 64 3.87 6.90 3.18
C ALA A 64 5.06 7.70 3.70
N ILE A 65 5.82 7.12 4.63
CA ILE A 65 6.99 7.81 5.17
C ILE A 65 8.00 8.08 4.07
N ARG A 66 8.26 7.07 3.23
CA ARG A 66 9.18 7.23 2.10
C ARG A 66 8.71 8.34 1.16
N SER A 67 7.41 8.42 0.92
CA SER A 67 6.88 9.46 0.02
CA SER A 67 6.89 9.45 0.01
C SER A 67 7.08 10.85 0.59
N LYS A 68 6.81 11.03 1.88
CA LYS A 68 6.97 12.36 2.48
C LYS A 68 8.43 12.72 2.69
N ILE A 69 9.33 11.75 2.72
CA ILE A 69 10.75 12.09 2.71
C ILE A 69 11.17 12.51 1.31
N ALA A 70 10.63 11.84 0.29
CA ALA A 70 11.05 12.13 -1.09
C ALA A 70 10.54 13.49 -1.58
N ASP A 71 9.36 13.93 -1.15
CA ASP A 71 8.84 15.21 -1.60
C ASP A 71 9.33 16.36 -0.72
N GLY A 72 10.17 16.08 0.26
CA GLY A 72 10.84 17.11 1.04
C GLY A 72 10.11 17.56 2.28
N SER A 73 8.98 16.93 2.62
CA SER A 73 8.21 17.39 3.76
C SER A 73 8.94 17.13 5.07
N VAL A 74 9.60 15.98 5.18
CA VAL A 74 10.26 15.56 6.41
C VAL A 74 11.52 14.80 6.03
N LYS A 75 12.41 14.65 7.01
CA LYS A 75 13.57 13.77 6.90
C LYS A 75 13.26 12.53 7.75
N ARG A 76 14.01 11.45 7.50
CA ARG A 76 13.80 10.26 8.31
C ARG A 76 13.94 10.59 9.80
N GLU A 77 14.90 11.45 10.16
CA GLU A 77 15.14 11.72 11.57
CA GLU A 77 15.13 11.70 11.58
C GLU A 77 14.02 12.50 12.23
N ASP A 78 13.11 13.09 11.44
CA ASP A 78 11.99 13.83 11.99
C ASP A 78 10.84 12.92 12.38
N ILE A 79 10.84 11.68 11.88
CA ILE A 79 9.74 10.74 12.06
C ILE A 79 10.12 9.77 13.18
N PHE A 80 9.16 9.48 14.06
CA PHE A 80 9.30 8.51 15.13
C PHE A 80 8.37 7.34 14.80
N TYR A 81 8.93 6.24 14.33
CA TYR A 81 8.16 5.09 13.86
C TYR A 81 8.23 3.94 14.85
N THR A 82 7.07 3.42 15.22
CA THR A 82 6.96 2.30 16.16
C THR A 82 6.44 1.06 15.46
N SER A 83 7.10 -0.07 15.71
CA SER A 83 6.51 -1.35 15.34
C SER A 83 6.48 -2.23 16.58
N LYS A 84 5.87 -3.39 16.44
CA LYS A 84 5.62 -4.26 17.58
C LYS A 84 5.83 -5.71 17.21
N LEU A 85 6.49 -6.43 18.12
CA LEU A 85 6.73 -7.86 18.03
C LEU A 85 5.46 -8.62 18.38
N TRP A 86 4.94 -9.39 17.43
CA TRP A 86 3.70 -10.10 17.70
C TRP A 86 4.00 -11.35 18.54
N SER A 87 2.95 -11.87 19.17
CA SER A 87 3.07 -12.79 20.31
C SER A 87 3.50 -14.19 19.90
N THR A 88 3.37 -14.53 18.63
CA THR A 88 3.91 -15.79 18.10
C THR A 88 5.42 -15.75 17.94
N PHE A 89 6.04 -14.60 18.18
CA PHE A 89 7.48 -14.44 17.98
C PHE A 89 8.23 -14.18 19.27
N HIS A 90 7.69 -14.58 20.42
CA HIS A 90 8.33 -14.25 21.69
C HIS A 90 9.58 -15.09 21.95
N ARG A 91 9.66 -16.30 21.39
CA ARG A 91 10.84 -17.11 21.65
C ARG A 91 12.07 -16.36 21.14
N PRO A 92 13.16 -16.33 21.89
CA PRO A 92 14.20 -15.32 21.61
C PRO A 92 14.79 -15.42 20.21
N GLU A 93 14.95 -16.62 19.66
CA GLU A 93 15.55 -16.76 18.34
C GLU A 93 14.67 -16.16 17.26
N LEU A 94 13.39 -15.92 17.54
CA LEU A 94 12.47 -15.36 16.56
C LEU A 94 12.40 -13.84 16.60
N VAL A 95 13.00 -13.18 17.59
CA VAL A 95 12.79 -11.76 17.78
C VAL A 95 13.46 -10.94 16.67
N ARG A 96 14.77 -11.11 16.49
CA ARG A 96 15.44 -10.29 15.49
C ARG A 96 14.92 -10.56 14.09
N PRO A 97 14.67 -11.81 13.67
CA PRO A 97 14.08 -12.00 12.33
C PRO A 97 12.73 -11.32 12.19
N ALA A 98 11.93 -11.28 13.24
CA ALA A 98 10.64 -10.58 13.16
C ALA A 98 10.83 -9.09 12.94
N LEU A 99 11.80 -8.48 13.64
CA LEU A 99 12.08 -7.08 13.44
C LEU A 99 12.63 -6.82 12.04
N GLU A 100 13.51 -7.71 11.57
CA GLU A 100 14.08 -7.55 10.23
C GLU A 100 13.01 -7.67 9.16
N ASN A 101 12.02 -8.55 9.38
CA ASN A 101 10.91 -8.65 8.45
C ASN A 101 10.08 -7.37 8.45
N SER A 102 9.84 -6.78 9.62
CA SER A 102 9.09 -5.53 9.68
C SER A 102 9.86 -4.40 8.99
N LEU A 103 11.18 -4.36 9.16
CA LEU A 103 11.97 -3.33 8.51
C LEU A 103 11.99 -3.52 7.00
N LYS A 104 12.02 -4.76 6.53
CA LYS A 104 11.97 -5.00 5.09
C LYS A 104 10.64 -4.56 4.50
N LYS A 105 9.54 -4.88 5.18
CA LYS A 105 8.22 -4.50 4.67
C LYS A 105 8.10 -2.99 4.60
N ALA A 106 8.49 -2.30 5.67
CA ALA A 106 8.38 -0.84 5.72
C ALA A 106 9.46 -0.14 4.90
N GLN A 107 10.49 -0.86 4.46
CA GLN A 107 11.66 -0.32 3.79
C GLN A 107 12.27 0.81 4.62
N LEU A 108 12.51 0.50 5.89
CA LEU A 108 13.22 1.35 6.81
C LEU A 108 14.49 0.65 7.25
N ASP A 109 15.50 1.44 7.61
CA ASP A 109 16.73 0.85 8.12
C ASP A 109 16.64 0.55 9.62
N TYR A 110 15.79 1.27 10.34
CA TYR A 110 15.58 1.09 11.77
C TYR A 110 14.15 1.51 12.11
N VAL A 111 13.65 1.01 13.24
CA VAL A 111 12.46 1.56 13.88
C VAL A 111 12.92 2.41 15.06
N ASP A 112 12.19 3.49 15.34
CA ASP A 112 12.53 4.29 16.52
C ASP A 112 12.15 3.57 17.80
N LEU A 113 11.19 2.67 17.72
CA LEU A 113 10.71 1.99 18.90
C LEU A 113 10.16 0.64 18.48
N TYR A 114 10.58 -0.39 19.20
CA TYR A 114 10.07 -1.74 19.02
C TYR A 114 9.52 -2.20 20.35
N LEU A 115 8.30 -2.70 20.34
CA LEU A 115 7.61 -3.10 21.55
C LEU A 115 7.29 -4.59 21.51
N ILE A 116 7.37 -5.24 22.68
CA ILE A 116 6.61 -6.48 22.86
C ILE A 116 5.12 -6.12 22.85
N HIS A 117 4.39 -6.62 21.86
CA HIS A 117 3.00 -6.19 21.66
C HIS A 117 2.11 -6.59 22.82
N SER A 118 2.35 -7.76 23.41
CA SER A 118 1.51 -8.28 24.47
C SER A 118 2.30 -9.33 25.24
N PRO A 119 2.06 -9.47 26.55
CA PRO A 119 2.74 -10.53 27.31
C PRO A 119 2.16 -11.91 27.04
N MET A 120 1.06 -12.00 26.30
CA MET A 120 0.34 -13.26 26.13
C MET A 120 0.92 -14.03 24.96
N SER A 121 2.02 -14.74 25.26
CA SER A 121 2.73 -15.52 24.24
C SER A 121 1.81 -16.52 23.57
N LEU A 122 2.04 -16.72 22.26
CA LEU A 122 1.26 -17.65 21.45
C LEU A 122 2.19 -18.64 20.73
N LYS A 123 1.61 -19.78 20.36
CA LYS A 123 2.36 -20.84 19.71
C LYS A 123 3.08 -20.30 18.48
N PRO A 124 4.38 -20.57 18.33
CA PRO A 124 5.10 -20.11 17.13
C PRO A 124 4.56 -20.76 15.86
N GLY A 125 4.60 -20.00 14.78
CA GLY A 125 4.18 -20.52 13.50
C GLY A 125 3.73 -19.40 12.57
N GLU A 126 3.22 -19.83 11.40
CA GLU A 126 2.80 -18.87 10.39
C GLU A 126 1.51 -18.16 10.80
N GLU A 127 0.61 -18.84 11.48
CA GLU A 127 -0.67 -18.25 11.84
C GLU A 127 -0.47 -17.22 12.95
N LEU A 128 -1.05 -16.03 12.76
CA LEU A 128 -0.97 -15.01 13.80
C LEU A 128 -1.88 -15.34 14.98
N SER A 129 -2.96 -16.08 14.73
CA SER A 129 -3.92 -16.47 15.77
C SER A 129 -4.04 -17.99 15.79
N PRO A 130 -3.02 -18.68 16.30
CA PRO A 130 -3.07 -20.15 16.29
C PRO A 130 -4.22 -20.66 17.15
N THR A 131 -4.99 -21.61 16.60
CA THR A 131 -6.15 -22.16 17.27
CA THR A 131 -6.15 -22.16 17.27
C THR A 131 -6.10 -23.68 17.19
N ASP A 132 -6.46 -24.33 18.30
CA ASP A 132 -6.41 -25.79 18.35
C ASP A 132 -7.70 -26.38 17.77
N GLU A 133 -7.79 -27.72 17.81
CA GLU A 133 -8.93 -28.42 17.24
C GLU A 133 -10.24 -28.01 17.88
N ASN A 134 -10.19 -27.58 19.13
CA ASN A 134 -11.38 -27.16 19.86
C ASN A 134 -11.66 -25.67 19.73
N GLY A 135 -10.93 -24.97 18.86
CA GLY A 135 -11.13 -23.55 18.66
C GLY A 135 -10.50 -22.65 19.70
N LYS A 136 -9.69 -23.19 20.59
CA LYS A 136 -9.08 -22.41 21.65
C LYS A 136 -7.76 -21.82 21.17
N VAL A 137 -7.49 -20.57 21.57
CA VAL A 137 -6.20 -19.96 21.27
C VAL A 137 -5.09 -20.83 21.83
N ILE A 138 -4.07 -21.09 21.04
CA ILE A 138 -2.96 -21.94 21.49
C ILE A 138 -1.91 -21.03 22.12
N PHE A 139 -1.92 -20.95 23.44
CA PHE A 139 -0.92 -20.16 24.14
C PHE A 139 0.44 -20.88 24.11
N ASP A 140 1.49 -20.09 24.29
CA ASP A 140 2.84 -20.58 24.50
C ASP A 140 3.29 -20.09 25.87
N ILE A 141 4.35 -20.68 26.39
CA ILE A 141 4.92 -20.29 27.67
C ILE A 141 6.36 -19.89 27.42
N VAL A 142 6.66 -18.60 27.60
CA VAL A 142 7.98 -18.06 27.33
C VAL A 142 8.39 -17.17 28.48
N ASP A 143 9.60 -17.39 28.99
CA ASP A 143 10.18 -16.46 29.95
C ASP A 143 10.39 -15.13 29.24
N LEU A 144 9.54 -14.15 29.54
CA LEU A 144 9.63 -12.89 28.80
C LEU A 144 10.92 -12.14 29.10
N CYS A 145 11.69 -12.52 30.13
CA CYS A 145 13.00 -11.90 30.29
C CYS A 145 13.94 -12.32 29.15
N THR A 146 13.77 -13.53 28.63
CA THR A 146 14.60 -13.95 27.51
C THR A 146 14.14 -13.28 26.22
N THR A 147 12.83 -13.06 26.05
CA THR A 147 12.37 -12.22 24.96
C THR A 147 13.00 -10.84 25.06
N TRP A 148 13.03 -10.26 26.27
CA TRP A 148 13.57 -8.93 26.47
C TRP A 148 15.07 -8.90 26.12
N GLU A 149 15.82 -9.91 26.56
CA GLU A 149 17.25 -9.97 26.23
C GLU A 149 17.46 -9.91 24.73
N ALA A 150 16.58 -10.58 23.97
CA ALA A 150 16.67 -10.53 22.51
C ALA A 150 16.30 -9.15 21.98
N MET A 151 15.32 -8.49 22.61
CA MET A 151 15.02 -7.11 22.26
C MET A 151 16.22 -6.22 22.50
N GLU A 152 16.94 -6.44 23.60
CA GLU A 152 18.11 -5.62 23.89
C GLU A 152 19.17 -5.76 22.79
N LYS A 153 19.34 -6.97 22.25
CA LYS A 153 20.34 -7.15 21.19
C LYS A 153 19.91 -6.45 19.90
N CYS A 154 18.60 -6.27 19.70
CA CYS A 154 18.13 -5.48 18.57
C CYS A 154 18.49 -4.02 18.72
N LYS A 155 18.43 -3.48 19.95
CA LYS A 155 18.84 -2.10 20.16
C LYS A 155 20.35 -1.96 20.08
N ASP A 156 21.08 -2.92 20.64
CA ASP A 156 22.53 -2.93 20.46
C ASP A 156 22.91 -2.86 18.99
N ALA A 157 22.17 -3.56 18.14
CA ALA A 157 22.51 -3.61 16.72
C ALA A 157 21.96 -2.42 15.95
N GLY A 158 21.31 -1.47 16.60
CA GLY A 158 20.81 -0.31 15.91
C GLY A 158 19.55 -0.53 15.10
N LEU A 159 18.95 -1.72 15.16
CA LEU A 159 17.71 -1.95 14.41
C LEU A 159 16.52 -1.28 15.07
N ALA A 160 16.59 -1.07 16.37
CA ALA A 160 15.57 -0.37 17.15
C ALA A 160 16.31 0.67 17.98
N LYS A 161 15.93 1.94 17.82
CA LYS A 161 16.57 2.99 18.60
C LYS A 161 16.17 2.88 20.07
N SER A 162 14.94 2.46 20.31
CA SER A 162 14.40 2.26 21.65
C SER A 162 13.57 1.00 21.67
N ILE A 163 13.48 0.37 22.83
CA ILE A 163 12.64 -0.80 23.04
C ILE A 163 11.74 -0.58 24.25
N GLY A 164 10.54 -1.11 24.15
CA GLY A 164 9.60 -1.03 25.26
C GLY A 164 8.61 -2.16 25.23
N VAL A 165 7.53 -2.05 26.00
CA VAL A 165 6.53 -3.10 26.08
C VAL A 165 5.13 -2.50 25.89
N SER A 166 4.16 -3.39 25.77
CA SER A 166 2.76 -3.03 25.58
C SER A 166 1.91 -4.05 26.31
N ASN A 167 0.87 -3.56 26.98
CA ASN A 167 -0.12 -4.39 27.64
C ASN A 167 0.43 -5.14 28.84
N PHE A 168 1.51 -4.64 29.43
CA PHE A 168 2.08 -5.20 30.65
C PHE A 168 1.41 -4.57 31.87
N ASN A 169 1.23 -5.37 32.91
CA ASN A 169 0.79 -4.85 34.20
C ASN A 169 2.04 -4.58 35.06
N ARG A 170 1.82 -4.12 36.29
CA ARG A 170 2.95 -3.74 37.13
C ARG A 170 3.86 -4.93 37.41
N ARG A 171 3.29 -6.08 37.73
CA ARG A 171 4.09 -7.26 38.03
C ARG A 171 4.91 -7.69 36.83
N GLN A 172 4.33 -7.60 35.64
CA GLN A 172 5.06 -7.98 34.44
C GLN A 172 6.19 -6.99 34.14
N LEU A 173 5.93 -5.70 34.34
CA LEU A 173 7.03 -4.73 34.23
C LEU A 173 8.13 -5.05 35.23
N GLU A 174 7.74 -5.31 36.50
CA GLU A 174 8.74 -5.55 37.53
C GLU A 174 9.65 -6.72 37.19
N MET A 175 9.12 -7.74 36.50
CA MET A 175 9.97 -8.88 36.14
C MET A 175 11.12 -8.43 35.25
N ILE A 176 10.84 -7.52 34.31
CA ILE A 176 11.90 -6.99 33.45
C ILE A 176 12.85 -6.13 34.29
N LEU A 177 12.28 -5.19 35.04
CA LEU A 177 13.10 -4.23 35.77
C LEU A 177 14.02 -4.93 36.76
N ASN A 178 13.59 -6.06 37.31
CA ASN A 178 14.36 -6.78 38.31
C ASN A 178 15.22 -7.89 37.71
N LYS A 179 15.27 -8.00 36.39
CA LYS A 179 16.03 -9.06 35.75
C LYS A 179 17.52 -8.87 36.03
N PRO A 180 18.23 -9.92 36.46
CA PRO A 180 19.69 -9.79 36.62
C PRO A 180 20.36 -9.42 35.30
N GLY A 181 21.32 -8.51 35.39
CA GLY A 181 22.06 -8.10 34.22
C GLY A 181 21.28 -7.30 33.21
N LEU A 182 20.11 -6.77 33.59
CA LEU A 182 19.33 -5.94 32.70
C LEU A 182 20.20 -4.83 32.11
N LYS A 183 20.13 -4.68 30.79
CA LYS A 183 20.90 -3.66 30.08
C LYS A 183 20.08 -2.43 29.76
N TYR A 184 18.84 -2.60 29.33
CA TYR A 184 17.98 -1.48 28.95
C TYR A 184 16.62 -1.65 29.59
N LYS A 185 16.19 -0.63 30.35
CA LYS A 185 14.81 -0.57 30.80
C LYS A 185 13.89 -0.42 29.59
N PRO A 186 12.66 -0.92 29.67
CA PRO A 186 11.65 -0.51 28.68
C PRO A 186 11.46 1.00 28.77
N VAL A 187 11.43 1.65 27.61
CA VAL A 187 11.23 3.10 27.65
C VAL A 187 9.76 3.44 27.87
N CYS A 188 8.86 2.51 27.59
CA CYS A 188 7.44 2.79 27.67
C CYS A 188 6.67 1.50 27.89
N ASN A 189 5.41 1.69 28.26
CA ASN A 189 4.39 0.64 28.36
C ASN A 189 3.16 1.20 27.67
N GLN A 190 2.84 0.67 26.49
CA GLN A 190 1.71 1.12 25.71
C GLN A 190 0.48 0.30 26.11
N VAL A 191 -0.53 0.97 26.68
CA VAL A 191 -1.67 0.29 27.28
C VAL A 191 -2.96 1.03 26.98
N GLU A 192 -4.08 0.32 27.14
CA GLU A 192 -5.38 0.96 27.00
C GLU A 192 -5.55 2.02 28.08
N CYS A 193 -5.87 3.24 27.67
CA CYS A 193 -5.91 4.36 28.60
C CYS A 193 -6.82 5.44 28.05
N HIS A 194 -7.89 5.75 28.77
CA HIS A 194 -8.88 6.76 28.42
C HIS A 194 -9.63 7.12 29.70
N PRO A 195 -10.54 8.10 29.66
CA PRO A 195 -11.20 8.52 30.91
C PRO A 195 -12.04 7.44 31.56
N TYR A 196 -12.44 6.39 30.84
CA TYR A 196 -13.20 5.33 31.49
C TYR A 196 -12.32 4.22 32.05
N PHE A 197 -11.00 4.33 31.87
CA PHE A 197 -10.00 3.33 32.25
C PHE A 197 -8.67 4.08 32.27
N ASN A 198 -8.43 4.92 33.29
CA ASN A 198 -7.38 5.93 33.21
C ASN A 198 -6.03 5.44 33.75
N ARG A 199 -5.98 4.23 34.30
CA ARG A 199 -4.72 3.57 34.65
C ARG A 199 -3.89 4.40 35.63
N SER A 200 -4.55 5.12 36.54
CA SER A 200 -3.83 6.05 37.40
C SER A 200 -2.77 5.33 38.23
N LYS A 201 -3.08 4.15 38.77
CA LYS A 201 -2.08 3.48 39.59
C LYS A 201 -0.92 2.98 38.75
N LEU A 202 -1.20 2.45 37.56
CA LEU A 202 -0.12 1.99 36.70
C LEU A 202 0.72 3.17 36.21
N LEU A 203 0.06 4.29 35.92
CA LEU A 203 0.77 5.52 35.55
C LEU A 203 1.73 5.95 36.64
N ASP A 204 1.27 5.97 37.89
CA ASP A 204 2.16 6.39 38.98
C ASP A 204 3.35 5.45 39.11
N PHE A 205 3.14 4.15 38.90
CA PHE A 205 4.27 3.24 38.97
C PHE A 205 5.24 3.49 37.83
N CYS A 206 4.74 3.65 36.61
CA CYS A 206 5.62 3.91 35.48
C CYS A 206 6.42 5.19 35.70
N LYS A 207 5.78 6.24 36.21
CA LYS A 207 6.50 7.48 36.46
C LYS A 207 7.63 7.26 37.46
N SER A 208 7.38 6.48 38.52
CA SER A 208 8.40 6.26 39.54
C SER A 208 9.60 5.49 39.01
N LYS A 209 9.49 4.91 37.83
CA LYS A 209 10.57 4.15 37.22
C LYS A 209 11.10 4.81 35.94
N ASP A 210 10.59 6.00 35.59
CA ASP A 210 10.98 6.70 34.37
C ASP A 210 10.59 5.91 33.13
N ILE A 211 9.40 5.30 33.18
CA ILE A 211 8.79 4.61 32.04
C ILE A 211 7.61 5.46 31.59
N VAL A 212 7.53 5.73 30.28
CA VAL A 212 6.44 6.51 29.73
C VAL A 212 5.24 5.59 29.51
N LEU A 213 4.07 6.03 29.96
CA LEU A 213 2.82 5.36 29.63
C LEU A 213 2.33 5.95 28.31
N VAL A 214 2.07 5.09 27.33
CA VAL A 214 1.55 5.48 26.02
C VAL A 214 0.12 4.96 25.95
N ALA A 215 -0.82 5.87 25.72
CA ALA A 215 -2.23 5.53 25.74
C ALA A 215 -2.75 5.13 24.37
N TYR A 216 -3.38 3.95 24.28
CA TYR A 216 -4.14 3.58 23.10
C TYR A 216 -5.62 3.48 23.42
N SER A 217 -6.44 3.50 22.37
CA SER A 217 -7.88 3.61 22.50
C SER A 217 -8.25 4.81 23.36
N ALA A 218 -7.43 5.86 23.27
CA ALA A 218 -7.63 7.08 24.03
C ALA A 218 -8.90 7.82 23.64
N LEU A 219 -9.45 7.53 22.46
CA LEU A 219 -10.72 8.09 22.03
C LEU A 219 -11.86 7.08 22.14
N GLY A 220 -11.62 5.96 22.82
CA GLY A 220 -12.68 5.00 23.09
C GLY A 220 -12.69 3.78 22.20
N SER A 221 -11.65 3.59 21.39
CA SER A 221 -11.46 2.46 20.49
C SER A 221 -12.35 2.59 19.25
N GLN A 222 -12.08 1.75 18.24
CA GLN A 222 -12.87 1.71 17.03
C GLN A 222 -14.13 0.87 17.18
N ARG A 223 -14.33 0.27 18.36
CA ARG A 223 -15.58 -0.43 18.68
C ARG A 223 -15.88 -1.51 17.65
N ASP A 224 -14.84 -2.21 17.20
CA ASP A 224 -15.00 -3.35 16.32
C ASP A 224 -15.86 -4.43 16.99
N LYS A 225 -16.98 -4.77 16.37
CA LYS A 225 -17.93 -5.69 17.00
C LYS A 225 -17.32 -7.07 17.26
N ARG A 226 -16.20 -7.40 16.65
CA ARG A 226 -15.56 -8.67 16.90
C ARG A 226 -14.83 -8.72 18.23
N TRP A 227 -14.49 -7.55 18.80
CA TRP A 227 -13.66 -7.49 20.00
C TRP A 227 -14.19 -6.57 21.08
N VAL A 228 -15.17 -5.72 20.79
CA VAL A 228 -15.67 -4.73 21.74
C VAL A 228 -17.18 -4.92 21.86
N ASP A 229 -17.68 -5.01 23.09
CA ASP A 229 -19.10 -5.13 23.37
C ASP A 229 -19.85 -3.94 22.75
N PRO A 230 -20.82 -4.17 21.86
CA PRO A 230 -21.58 -3.04 21.29
C PRO A 230 -22.38 -2.29 22.34
N ASN A 231 -22.56 -2.86 23.53
CA ASN A 231 -23.33 -2.23 24.59
C ASN A 231 -22.47 -1.41 25.54
N SER A 232 -21.14 -1.49 25.42
CA SER A 232 -20.29 -0.64 26.23
C SER A 232 -20.60 0.83 25.94
N PRO A 233 -20.48 1.69 26.95
CA PRO A 233 -20.70 3.12 26.69
C PRO A 233 -19.69 3.68 25.69
N VAL A 234 -20.16 4.67 24.93
CA VAL A 234 -19.35 5.33 23.91
C VAL A 234 -18.62 6.50 24.56
N LEU A 235 -17.29 6.40 24.63
CA LEU A 235 -16.52 7.38 25.38
C LEU A 235 -16.82 8.81 24.93
N LEU A 236 -16.84 9.05 23.62
CA LEU A 236 -16.98 10.41 23.16
C LEU A 236 -18.39 10.95 23.29
N GLU A 237 -19.34 10.14 23.77
CA GLU A 237 -20.69 10.60 24.08
C GLU A 237 -20.82 10.93 25.57
N ASP A 238 -19.71 10.90 26.30
CA ASP A 238 -19.75 11.11 27.74
C ASP A 238 -20.23 12.53 28.04
N PRO A 239 -21.25 12.70 28.89
CA PRO A 239 -21.73 14.07 29.16
C PRO A 239 -20.69 15.01 29.73
N VAL A 240 -19.75 14.50 30.53
CA VAL A 240 -18.74 15.38 31.11
C VAL A 240 -17.75 15.83 30.06
N LEU A 241 -17.30 14.90 29.21
CA LEU A 241 -16.42 15.28 28.12
C LEU A 241 -17.10 16.26 27.18
N CYS A 242 -18.39 16.08 26.93
CA CYS A 242 -19.08 16.92 25.97
C CYS A 242 -19.32 18.33 26.52
N ALA A 243 -19.60 18.44 27.82
CA ALA A 243 -19.74 19.76 28.43
C ALA A 243 -18.41 20.50 28.47
N LEU A 244 -17.33 19.79 28.79
CA LEU A 244 -16.00 20.40 28.73
C LEU A 244 -15.67 20.85 27.30
N ALA A 245 -16.09 20.08 26.30
CA ALA A 245 -15.84 20.48 24.92
C ALA A 245 -16.56 21.80 24.60
N LYS A 246 -17.81 21.93 25.02
CA LYS A 246 -18.52 23.17 24.77
C LYS A 246 -17.92 24.32 25.57
N LYS A 247 -17.52 24.05 26.83
CA LYS A 247 -16.87 25.08 27.63
C LYS A 247 -15.64 25.63 26.91
N HIS A 248 -14.82 24.74 26.36
CA HIS A 248 -13.57 25.15 25.72
C HIS A 248 -13.71 25.45 24.24
N LYS A 249 -14.89 25.27 23.65
CA LYS A 249 -15.06 25.41 22.21
C LYS A 249 -14.12 24.48 21.46
N ARG A 250 -14.03 23.24 21.92
CA ARG A 250 -13.24 22.20 21.26
C ARG A 250 -14.16 21.04 20.94
N THR A 251 -13.67 19.82 21.00
CA THR A 251 -14.46 18.63 20.72
C THR A 251 -14.20 17.60 21.81
N PRO A 252 -15.10 16.63 21.99
CA PRO A 252 -14.87 15.62 23.03
C PRO A 252 -13.57 14.87 22.83
N ALA A 253 -13.20 14.60 21.59
CA ALA A 253 -11.94 13.93 21.29
C ALA A 253 -10.76 14.77 21.74
N LEU A 254 -10.79 16.07 21.48
CA LEU A 254 -9.69 16.93 21.87
C LEU A 254 -9.56 17.03 23.39
N ILE A 255 -10.69 17.00 24.10
CA ILE A 255 -10.63 16.96 25.56
C ILE A 255 -9.96 15.69 26.03
N ALA A 256 -10.33 14.54 25.43
CA ALA A 256 -9.76 13.26 25.84
C ALA A 256 -8.27 13.20 25.56
N LEU A 257 -7.82 13.75 24.43
CA LEU A 257 -6.40 13.75 24.14
C LEU A 257 -5.64 14.71 25.06
N ARG A 258 -6.19 15.90 25.29
CA ARG A 258 -5.51 16.86 26.15
C ARG A 258 -5.41 16.34 27.57
N TYR A 259 -6.44 15.63 28.03
CA TYR A 259 -6.40 15.00 29.34
C TYR A 259 -5.12 14.20 29.52
N GLN A 260 -4.79 13.37 28.53
CA GLN A 260 -3.61 12.53 28.65
C GLN A 260 -2.34 13.37 28.64
N LEU A 261 -2.27 14.38 27.77
CA LEU A 261 -1.05 15.17 27.70
C LEU A 261 -0.76 15.87 29.04
N GLN A 262 -1.79 16.34 29.72
CA GLN A 262 -1.55 17.09 30.95
C GLN A 262 -1.29 16.20 32.17
N ARG A 263 -1.44 14.89 32.03
CA ARG A 263 -1.08 13.97 33.11
C ARG A 263 0.18 13.20 32.79
N GLY A 264 0.95 13.65 31.78
CA GLY A 264 2.24 13.06 31.48
C GLY A 264 2.19 11.81 30.67
N VAL A 265 1.08 11.56 29.98
CA VAL A 265 0.89 10.39 29.15
C VAL A 265 1.08 10.78 27.70
N VAL A 266 1.82 9.96 26.94
CA VAL A 266 1.91 10.11 25.49
C VAL A 266 0.65 9.47 24.89
N VAL A 267 0.01 10.15 23.94
CA VAL A 267 -1.32 9.74 23.51
C VAL A 267 -1.33 9.45 22.02
N LEU A 268 -1.89 8.30 21.66
CA LEU A 268 -2.11 7.92 20.27
C LEU A 268 -3.53 8.32 19.87
N ALA A 269 -3.71 8.60 18.59
CA ALA A 269 -5.04 8.92 18.07
C ALA A 269 -5.13 8.37 16.66
N LYS A 270 -6.03 7.41 16.43
CA LYS A 270 -6.27 6.88 15.10
C LYS A 270 -7.38 7.69 14.46
N SER A 271 -7.16 8.14 13.23
CA SER A 271 -8.25 8.62 12.39
C SER A 271 -7.89 8.36 10.94
N TYR A 272 -8.84 7.87 10.16
CA TYR A 272 -8.69 7.73 8.71
C TYR A 272 -9.49 8.79 7.97
N ASN A 273 -9.83 9.90 8.64
CA ASN A 273 -10.64 10.98 8.09
C ASN A 273 -9.80 12.25 8.05
N GLU A 274 -9.71 12.89 6.88
CA GLU A 274 -8.77 13.99 6.76
C GLU A 274 -9.08 15.12 7.73
N GLN A 275 -10.35 15.49 7.87
CA GLN A 275 -10.68 16.59 8.78
C GLN A 275 -10.37 16.23 10.24
N ARG A 276 -10.61 14.98 10.65
CA ARG A 276 -10.38 14.65 12.05
C ARG A 276 -8.89 14.50 12.35
N ILE A 277 -8.13 13.99 11.38
CA ILE A 277 -6.67 13.93 11.51
C ILE A 277 -6.12 15.30 11.84
N ARG A 278 -6.54 16.32 11.09
CA ARG A 278 -6.01 17.66 11.28
C ARG A 278 -6.55 18.29 12.56
N GLN A 279 -7.79 17.97 12.93
CA GLN A 279 -8.31 18.45 14.20
C GLN A 279 -7.48 17.95 15.37
N ASN A 280 -7.03 16.70 15.31
CA ASN A 280 -6.39 16.10 16.48
C ASN A 280 -5.07 16.79 16.82
N VAL A 281 -4.39 17.35 15.84
CA VAL A 281 -3.19 18.13 16.12
C VAL A 281 -3.49 19.42 16.86
N GLN A 282 -4.76 19.81 16.96
CA GLN A 282 -5.08 21.01 17.73
C GLN A 282 -5.05 20.77 19.23
N VAL A 283 -4.69 19.56 19.67
CA VAL A 283 -4.58 19.28 21.10
C VAL A 283 -3.57 20.23 21.73
N PHE A 284 -2.60 20.72 20.94
CA PHE A 284 -1.58 21.61 21.48
C PHE A 284 -2.05 23.04 21.62
N GLU A 285 -3.28 23.36 21.23
CA GLU A 285 -3.71 24.75 21.11
C GLU A 285 -4.48 25.26 22.33
N PHE A 286 -4.74 24.42 23.32
CA PHE A 286 -5.56 24.83 24.46
C PHE A 286 -5.14 24.03 25.67
N GLN A 287 -5.60 24.47 26.84
CA GLN A 287 -5.30 23.78 28.08
C GLN A 287 -6.57 23.56 28.90
N LEU A 288 -6.61 22.44 29.62
CA LEU A 288 -7.66 22.16 30.59
C LEU A 288 -7.22 22.71 31.95
N THR A 289 -8.20 23.20 32.73
CA THR A 289 -7.87 23.66 34.07
C THR A 289 -7.63 22.47 35.00
N ALA A 290 -7.02 22.76 36.15
CA ALA A 290 -6.82 21.72 37.16
C ALA A 290 -8.14 21.10 37.58
N GLU A 291 -9.18 21.94 37.73
CA GLU A 291 -10.49 21.43 38.09
CA GLU A 291 -10.49 21.42 38.09
C GLU A 291 -11.11 20.60 36.96
N ASP A 292 -10.87 21.01 35.71
CA ASP A 292 -11.28 20.19 34.58
C ASP A 292 -10.66 18.80 34.66
N MET A 293 -9.37 18.73 34.98
CA MET A 293 -8.67 17.46 35.03
C MET A 293 -9.25 16.56 36.11
N LYS A 294 -9.56 17.12 37.27
CA LYS A 294 -10.19 16.34 38.33
C LYS A 294 -11.53 15.79 37.89
N ALA A 295 -12.30 16.58 37.14
CA ALA A 295 -13.61 16.11 36.68
C ALA A 295 -13.45 14.91 35.76
N ILE A 296 -12.44 14.93 34.90
CA ILE A 296 -12.19 13.81 33.99
C ILE A 296 -11.67 12.61 34.77
N ASP A 297 -10.86 12.85 35.81
CA ASP A 297 -10.38 11.76 36.66
C ASP A 297 -11.54 10.98 37.27
N GLY A 298 -12.66 11.63 37.55
CA GLY A 298 -13.77 10.96 38.19
C GLY A 298 -14.58 10.07 37.26
N LEU A 299 -14.23 10.02 35.98
CA LEU A 299 -15.02 9.23 35.04
C LEU A 299 -14.63 7.76 35.00
N ASP A 300 -13.53 7.37 35.63
CA ASP A 300 -13.03 6.01 35.48
C ASP A 300 -14.09 5.00 35.87
N ARG A 301 -14.31 4.02 35.00
CA ARG A 301 -15.28 2.96 35.21
C ARG A 301 -14.63 1.57 35.17
N ASN A 302 -13.31 1.50 35.13
CA ASN A 302 -12.56 0.25 34.93
C ASN A 302 -13.10 -0.49 33.70
N LEU A 303 -13.32 0.26 32.62
CA LEU A 303 -13.92 -0.25 31.40
C LEU A 303 -12.84 -0.54 30.38
N HIS A 304 -12.59 -1.81 30.12
CA HIS A 304 -11.67 -2.24 29.07
C HIS A 304 -12.47 -2.47 27.79
N TYR A 305 -12.21 -1.68 26.74
CA TYR A 305 -12.96 -1.88 25.51
C TYR A 305 -12.63 -3.24 24.89
N PHE A 306 -11.36 -3.65 24.94
CA PHE A 306 -10.96 -4.99 24.52
C PHE A 306 -11.14 -5.94 25.70
N ASN A 307 -12.15 -6.82 25.60
CA ASN A 307 -12.50 -7.71 26.72
C ASN A 307 -13.17 -8.96 26.14
N SER A 308 -12.34 -9.85 25.59
CA SER A 308 -12.79 -11.17 25.16
C SER A 308 -12.38 -12.22 26.18
N ASP A 309 -13.28 -13.16 26.45
CA ASP A 309 -12.95 -14.26 27.35
C ASP A 309 -11.90 -15.20 26.76
N SER A 310 -11.69 -15.16 25.45
CA SER A 310 -10.70 -16.03 24.82
C SER A 310 -9.31 -15.80 25.41
N PHE A 311 -9.02 -14.59 25.88
CA PHE A 311 -7.71 -14.27 26.43
C PHE A 311 -7.67 -14.24 27.96
N ALA A 312 -8.83 -14.13 28.61
CA ALA A 312 -8.84 -14.03 30.06
C ALA A 312 -8.25 -15.25 30.75
N SER A 313 -8.30 -16.42 30.09
CA SER A 313 -7.70 -17.62 30.63
C SER A 313 -6.20 -17.72 30.35
N HIS A 314 -5.66 -16.86 29.51
CA HIS A 314 -4.23 -16.93 29.23
C HIS A 314 -3.45 -16.74 30.53
N PRO A 315 -2.42 -17.56 30.79
CA PRO A 315 -1.70 -17.43 32.08
C PRO A 315 -1.02 -16.08 32.26
N ASN A 316 -0.81 -15.31 31.19
CA ASN A 316 -0.16 -14.01 31.28
C ASN A 316 -1.13 -12.85 31.05
N TYR A 317 -2.44 -13.13 31.04
CA TYR A 317 -3.44 -12.09 30.91
C TYR A 317 -3.17 -10.97 31.92
N PRO A 318 -3.04 -9.72 31.48
CA PRO A 318 -2.56 -8.67 32.39
C PRO A 318 -3.61 -8.10 33.32
N TYR A 319 -4.90 -8.34 33.09
CA TYR A 319 -5.96 -7.71 33.87
C TYR A 319 -6.44 -8.58 35.04
N SER A 320 -5.74 -9.67 35.35
CA SER A 320 -6.05 -10.43 36.56
C SER A 320 -5.46 -9.79 37.81
N ASP A 321 -4.78 -8.66 37.67
CA ASP A 321 -4.17 -7.94 38.79
C ASP A 321 -4.81 -6.57 38.90
N GLU A 322 -4.77 -6.01 40.12
CA GLU A 322 -5.38 -4.70 40.38
C GLU A 322 -4.89 -3.67 39.39
N TYR A 323 -3.57 -3.59 39.20
CA TYR A 323 -2.93 -2.80 38.16
C TYR A 323 -1.58 -3.48 37.87
N GLN B 6 3.10 15.70 -16.47
CA GLN B 6 2.09 14.69 -16.78
C GLN B 6 2.76 13.32 -16.91
N CYS B 7 3.62 13.05 -15.92
CA CYS B 7 4.20 11.74 -15.70
C CYS B 7 3.85 11.31 -14.28
N VAL B 8 3.92 10.00 -14.05
CA VAL B 8 3.90 9.45 -12.71
C VAL B 8 5.29 8.88 -12.41
N LYS B 9 5.69 8.99 -11.15
CA LYS B 9 6.97 8.42 -10.72
C LYS B 9 6.76 6.95 -10.38
N LEU B 10 7.55 6.08 -11.01
CA LEU B 10 7.51 4.65 -10.75
C LEU B 10 8.33 4.33 -9.51
N ASN B 11 8.11 3.11 -8.98
CA ASN B 11 8.76 2.74 -7.72
C ASN B 11 10.26 2.53 -7.87
N ASP B 12 10.79 2.58 -9.09
CA ASP B 12 12.23 2.55 -9.30
C ASP B 12 12.81 3.92 -9.63
N GLY B 13 12.05 4.99 -9.44
CA GLY B 13 12.53 6.33 -9.66
C GLY B 13 12.39 6.86 -11.06
N HIS B 14 12.09 6.02 -12.04
CA HIS B 14 11.87 6.52 -13.39
C HIS B 14 10.48 7.12 -13.52
N PHE B 15 10.24 7.83 -14.61
CA PHE B 15 8.97 8.52 -14.82
C PHE B 15 8.29 7.98 -16.06
N MET B 16 6.98 7.76 -15.94
CA MET B 16 6.16 7.21 -17.02
C MET B 16 5.10 8.23 -17.41
N PRO B 17 5.04 8.64 -18.68
CA PRO B 17 3.95 9.52 -19.11
C PRO B 17 2.61 8.84 -18.91
N VAL B 18 1.62 9.61 -18.44
CA VAL B 18 0.38 9.00 -17.99
C VAL B 18 -0.59 8.71 -19.13
N LEU B 19 -0.34 9.24 -20.32
CA LEU B 19 -1.10 8.89 -21.51
C LEU B 19 -0.16 8.20 -22.48
N GLY B 20 -0.52 6.99 -22.92
CA GLY B 20 0.29 6.23 -23.85
C GLY B 20 -0.47 5.87 -25.10
N PHE B 21 0.28 5.70 -26.19
CA PHE B 21 -0.29 5.37 -27.49
C PHE B 21 -0.24 3.86 -27.72
N GLY B 22 -1.38 3.25 -27.98
CA GLY B 22 -1.45 1.84 -28.27
C GLY B 22 -1.21 1.56 -29.75
N THR B 23 -0.26 0.67 -30.04
CA THR B 23 0.17 0.46 -31.42
C THR B 23 -0.38 -0.82 -32.05
N TYR B 24 -1.15 -1.63 -31.33
CA TYR B 24 -1.56 -2.89 -31.95
C TYR B 24 -2.60 -2.64 -33.03
N ALA B 25 -2.42 -3.28 -34.18
CA ALA B 25 -3.39 -3.36 -35.26
C ALA B 25 -3.42 -4.80 -35.73
N PRO B 26 -4.58 -5.30 -36.14
CA PRO B 26 -4.67 -6.71 -36.56
C PRO B 26 -3.87 -6.96 -37.82
N PRO B 27 -3.60 -8.23 -38.15
CA PRO B 27 -2.73 -8.52 -39.30
C PRO B 27 -3.26 -7.99 -40.63
N GLU B 28 -4.54 -7.68 -40.74
CA GLU B 28 -5.06 -7.16 -42.01
C GLU B 28 -4.56 -5.75 -42.33
N VAL B 29 -3.91 -5.08 -41.37
CA VAL B 29 -3.48 -3.70 -41.56
C VAL B 29 -2.03 -3.72 -42.02
N PRO B 30 -1.69 -3.11 -43.15
CA PRO B 30 -0.30 -3.13 -43.62
C PRO B 30 0.65 -2.63 -42.54
N ARG B 31 1.79 -3.31 -42.41
CA ARG B 31 2.77 -2.92 -41.40
C ARG B 31 3.17 -1.47 -41.52
N SER B 32 3.15 -0.91 -42.74
CA SER B 32 3.57 0.47 -42.91
C SER B 32 2.71 1.43 -42.11
N LYS B 33 1.47 1.05 -41.77
CA LYS B 33 0.60 1.97 -41.06
C LYS B 33 1.14 2.28 -39.66
N ALA B 34 1.72 1.28 -38.99
CA ALA B 34 2.24 1.52 -37.65
C ALA B 34 3.31 2.60 -37.66
N LEU B 35 4.14 2.63 -38.71
CA LEU B 35 5.11 3.71 -38.85
C LEU B 35 4.40 5.05 -38.98
N GLU B 36 3.45 5.13 -39.91
CA GLU B 36 2.74 6.38 -40.16
C GLU B 36 2.04 6.89 -38.90
N VAL B 37 1.27 6.02 -38.22
CA VAL B 37 0.44 6.52 -37.14
C VAL B 37 1.26 6.81 -35.88
N THR B 38 2.36 6.07 -35.67
CA THR B 38 3.17 6.37 -34.50
C THR B 38 3.87 7.73 -34.66
N LYS B 39 4.29 8.07 -35.88
CA LYS B 39 4.81 9.41 -36.12
C LYS B 39 3.74 10.44 -35.82
N LEU B 40 2.51 10.21 -36.29
CA LEU B 40 1.43 11.14 -36.00
C LEU B 40 1.20 11.25 -34.50
N ALA B 41 1.24 10.13 -33.79
CA ALA B 41 1.02 10.15 -32.35
C ALA B 41 2.04 11.04 -31.66
N ILE B 42 3.33 10.87 -32.00
CA ILE B 42 4.35 11.70 -31.39
C ILE B 42 4.14 13.16 -31.77
N GLU B 43 3.77 13.41 -33.03
CA GLU B 43 3.54 14.78 -33.48
C GLU B 43 2.37 15.41 -32.72
N ALA B 44 1.34 14.61 -32.39
CA ALA B 44 0.22 15.13 -31.63
C ALA B 44 0.57 15.40 -30.18
N GLY B 45 1.60 14.75 -29.64
CA GLY B 45 2.01 14.99 -28.27
C GLY B 45 2.17 13.75 -27.41
N PHE B 46 1.87 12.57 -27.96
CA PHE B 46 2.13 11.34 -27.21
C PHE B 46 3.62 11.19 -26.97
N ARG B 47 3.98 10.80 -25.73
CA ARG B 47 5.38 10.56 -25.38
C ARG B 47 5.59 9.18 -24.80
N HIS B 48 4.54 8.37 -24.73
CA HIS B 48 4.54 7.01 -24.19
C HIS B 48 3.97 6.14 -25.30
N ILE B 49 4.74 5.15 -25.75
CA ILE B 49 4.40 4.31 -26.89
C ILE B 49 4.42 2.86 -26.45
N ASP B 50 3.32 2.15 -26.66
CA ASP B 50 3.17 0.78 -26.17
C ASP B 50 3.23 -0.21 -27.34
N SER B 51 4.24 -1.07 -27.34
CA SER B 51 4.37 -2.11 -28.36
C SER B 51 4.63 -3.45 -27.70
N ALA B 52 5.00 -4.45 -28.49
CA ALA B 52 5.22 -5.81 -28.00
C ALA B 52 5.70 -6.68 -29.14
N HIS B 53 6.43 -7.73 -28.76
CA HIS B 53 6.83 -8.72 -29.76
C HIS B 53 5.60 -9.26 -30.50
N LEU B 54 4.53 -9.56 -29.76
CA LEU B 54 3.33 -10.12 -30.37
C LEU B 54 2.77 -9.24 -31.48
N TYR B 55 2.98 -7.93 -31.40
CA TYR B 55 2.33 -7.02 -32.32
C TYR B 55 2.95 -7.04 -33.70
N ASN B 56 4.14 -7.61 -33.86
CA ASN B 56 4.77 -7.68 -35.18
C ASN B 56 4.87 -6.29 -35.82
N ASN B 57 5.24 -5.30 -35.00
CA ASN B 57 5.36 -3.93 -35.49
C ASN B 57 6.54 -3.19 -34.88
N GLU B 58 7.43 -3.87 -34.17
CA GLU B 58 8.50 -3.17 -33.47
C GLU B 58 9.43 -2.47 -34.46
N GLU B 59 9.70 -3.07 -35.62
CA GLU B 59 10.50 -2.39 -36.63
C GLU B 59 9.88 -1.05 -36.99
N GLN B 60 8.57 -1.03 -37.23
CA GLN B 60 7.90 0.17 -37.70
C GLN B 60 7.76 1.19 -36.58
N VAL B 61 7.43 0.75 -35.36
CA VAL B 61 7.33 1.69 -34.25
C VAL B 61 8.70 2.27 -33.95
N GLY B 62 9.74 1.46 -34.03
CA GLY B 62 11.09 1.97 -33.78
C GLY B 62 11.52 2.98 -34.82
N LEU B 63 11.19 2.71 -36.09
CA LEU B 63 11.43 3.69 -37.15
C LEU B 63 10.73 5.01 -36.87
N ALA B 64 9.51 4.96 -36.33
CA ALA B 64 8.76 6.17 -36.07
C ALA B 64 9.44 6.99 -34.98
N ILE B 65 9.90 6.34 -33.91
CA ILE B 65 10.63 7.03 -32.86
C ILE B 65 11.91 7.62 -33.42
N ARG B 66 12.67 6.81 -34.17
CA ARG B 66 13.92 7.29 -34.74
CA ARG B 66 13.92 7.29 -34.74
C ARG B 66 13.67 8.44 -35.71
N SER B 67 12.53 8.43 -36.41
CA SER B 67 12.19 9.51 -37.34
C SER B 67 12.02 10.83 -36.59
N LYS B 68 11.22 10.82 -35.52
CA LYS B 68 10.91 12.04 -34.81
C LYS B 68 12.10 12.55 -33.99
N ILE B 69 13.03 11.66 -33.67
CA ILE B 69 14.32 12.10 -33.12
C ILE B 69 15.16 12.71 -34.23
N ALA B 70 15.22 12.06 -35.39
CA ALA B 70 16.08 12.55 -36.46
C ALA B 70 15.64 13.92 -36.96
N ASP B 71 14.33 14.21 -36.98
CA ASP B 71 13.89 15.50 -37.49
C ASP B 71 13.95 16.58 -36.42
N GLY B 72 14.33 16.25 -35.20
CA GLY B 72 14.52 17.24 -34.16
C GLY B 72 13.33 17.46 -33.27
N SER B 73 12.23 16.74 -33.48
CA SER B 73 11.03 17.00 -32.69
C SER B 73 11.21 16.61 -31.23
N VAL B 74 11.90 15.49 -30.97
CA VAL B 74 12.07 14.94 -29.64
C VAL B 74 13.48 14.37 -29.51
N LYS B 75 13.93 14.20 -28.28
CA LYS B 75 15.12 13.41 -27.99
C LYS B 75 14.70 12.02 -27.51
N ARG B 76 15.64 11.08 -27.55
CA ARG B 76 15.35 9.72 -27.09
C ARG B 76 14.84 9.72 -25.66
N GLU B 77 15.41 10.56 -24.80
CA GLU B 77 14.99 10.59 -23.40
C GLU B 77 13.61 11.19 -23.21
N ASP B 78 13.03 11.83 -24.23
CA ASP B 78 11.67 12.35 -24.15
C ASP B 78 10.62 11.27 -24.42
N ILE B 79 11.03 10.12 -24.93
CA ILE B 79 10.13 9.05 -25.35
C ILE B 79 10.22 7.93 -24.33
N PHE B 80 9.05 7.40 -23.95
CA PHE B 80 8.93 6.26 -23.07
C PHE B 80 8.40 5.11 -23.93
N TYR B 81 9.28 4.16 -24.24
CA TYR B 81 8.93 3.05 -25.13
C TYR B 81 8.82 1.76 -24.33
N THR B 82 7.71 1.05 -24.54
CA THR B 82 7.45 -0.22 -23.88
C THR B 82 7.44 -1.35 -24.89
N SER B 83 8.10 -2.46 -24.56
CA SER B 83 7.87 -3.70 -25.27
C SER B 83 7.54 -4.80 -24.26
N LYS B 84 7.24 -5.98 -24.77
CA LYS B 84 6.73 -7.04 -23.93
C LYS B 84 7.31 -8.39 -24.33
N LEU B 85 7.71 -9.14 -23.30
CA LEU B 85 8.18 -10.51 -23.46
C LEU B 85 7.01 -11.43 -23.75
N TRP B 86 7.00 -12.05 -24.92
CA TRP B 86 5.90 -12.94 -25.22
C TRP B 86 6.03 -14.25 -24.43
N SER B 87 4.89 -14.95 -24.30
CA SER B 87 4.75 -16.06 -23.37
C SER B 87 5.56 -17.28 -23.77
N THR B 88 5.97 -17.38 -25.04
CA THR B 88 6.85 -18.45 -25.45
C THR B 88 8.29 -18.24 -25.01
N PHE B 89 8.59 -17.09 -24.39
CA PHE B 89 9.94 -16.76 -23.95
C PHE B 89 10.06 -16.62 -22.44
N HIS B 90 9.18 -17.28 -21.68
CA HIS B 90 9.23 -17.14 -20.23
C HIS B 90 10.46 -17.85 -19.63
N ARG B 91 10.91 -18.95 -20.21
CA ARG B 91 12.04 -19.66 -19.64
C ARG B 91 13.20 -18.70 -19.42
N PRO B 92 13.84 -18.69 -18.24
CA PRO B 92 14.80 -17.60 -17.95
C PRO B 92 15.89 -17.40 -18.98
N GLU B 93 16.43 -18.47 -19.58
CA GLU B 93 17.51 -18.27 -20.53
C GLU B 93 17.06 -17.62 -21.84
N LEU B 94 15.74 -17.54 -22.08
CA LEU B 94 15.21 -16.93 -23.29
C LEU B 94 14.88 -15.45 -23.12
N VAL B 95 14.93 -14.93 -21.89
CA VAL B 95 14.39 -13.59 -21.63
C VAL B 95 15.30 -12.52 -22.23
N ARG B 96 16.59 -12.59 -21.93
CA ARG B 96 17.46 -11.50 -22.38
C ARG B 96 17.59 -11.56 -23.90
N PRO B 97 17.77 -12.74 -24.50
CA PRO B 97 17.78 -12.77 -25.98
C PRO B 97 16.51 -12.23 -26.62
N ALA B 98 15.35 -12.42 -25.98
CA ALA B 98 14.11 -11.88 -26.55
C ALA B 98 14.11 -10.35 -26.49
N LEU B 99 14.60 -9.78 -25.39
CA LEU B 99 14.69 -8.33 -25.30
C LEU B 99 15.69 -7.78 -26.32
N GLU B 100 16.88 -8.40 -26.39
CA GLU B 100 17.85 -7.97 -27.38
C GLU B 100 17.29 -8.06 -28.80
N ASN B 101 16.44 -9.06 -29.06
CA ASN B 101 15.83 -9.16 -30.38
C ASN B 101 14.84 -8.02 -30.62
N SER B 102 14.06 -7.68 -29.59
CA SER B 102 13.14 -6.54 -29.67
C SER B 102 13.91 -5.24 -29.86
N LEU B 103 15.07 -5.10 -29.19
CA LEU B 103 15.86 -3.89 -29.38
C LEU B 103 16.46 -3.84 -30.79
N LYS B 104 16.85 -4.99 -31.34
CA LYS B 104 17.39 -5.02 -32.70
C LYS B 104 16.33 -4.57 -33.71
N LYS B 105 15.10 -5.06 -33.56
CA LYS B 105 14.04 -4.70 -34.49
C LYS B 105 13.71 -3.21 -34.40
N ALA B 106 13.58 -2.68 -33.18
CA ALA B 106 13.27 -1.28 -33.00
C ALA B 106 14.48 -0.40 -33.27
N GLN B 107 15.67 -0.97 -33.33
CA GLN B 107 16.91 -0.21 -33.44
C GLN B 107 17.02 0.83 -32.34
N LEU B 108 16.85 0.37 -31.10
CA LEU B 108 16.99 1.19 -29.92
C LEU B 108 18.00 0.53 -28.99
N ASP B 109 18.66 1.34 -28.16
CA ASP B 109 19.66 0.77 -27.25
C ASP B 109 19.00 0.15 -26.02
N TYR B 110 17.82 0.64 -25.65
CA TYR B 110 17.12 0.22 -24.45
C TYR B 110 15.63 0.45 -24.66
N VAL B 111 14.82 -0.29 -23.91
CA VAL B 111 13.40 0.02 -23.76
C VAL B 111 13.23 0.74 -22.42
N ASP B 112 12.29 1.68 -22.36
CA ASP B 112 12.01 2.28 -21.07
C ASP B 112 11.30 1.31 -20.14
N LEU B 113 10.55 0.37 -20.70
CA LEU B 113 9.78 -0.57 -19.91
C LEU B 113 9.72 -1.90 -20.63
N TYR B 114 10.04 -2.99 -19.93
CA TYR B 114 9.87 -4.33 -20.45
C TYR B 114 8.89 -5.07 -19.55
N LEU B 115 7.87 -5.65 -20.15
CA LEU B 115 6.82 -6.34 -19.40
C LEU B 115 6.78 -7.83 -19.72
N ILE B 116 6.48 -8.63 -18.70
CA ILE B 116 5.96 -9.97 -18.95
C ILE B 116 4.55 -9.79 -19.50
N HIS B 117 4.35 -10.14 -20.77
CA HIS B 117 3.10 -9.83 -21.47
C HIS B 117 1.90 -10.51 -20.83
N SER B 118 2.07 -11.75 -20.34
CA SER B 118 0.98 -12.55 -19.82
C SER B 118 1.55 -13.60 -18.90
N PRO B 119 0.87 -13.95 -17.79
CA PRO B 119 1.38 -15.02 -16.93
C PRO B 119 1.20 -16.41 -17.52
N MET B 120 0.52 -16.53 -18.67
CA MET B 120 0.15 -17.82 -19.24
C MET B 120 1.25 -18.30 -20.18
N SER B 121 2.23 -19.00 -19.60
CA SER B 121 3.38 -19.45 -20.37
C SER B 121 2.96 -20.44 -21.45
N LEU B 122 3.69 -20.40 -22.57
CA LEU B 122 3.39 -21.22 -23.73
C LEU B 122 4.64 -21.98 -24.17
N LYS B 123 4.41 -23.05 -24.91
CA LYS B 123 5.50 -23.92 -25.36
C LYS B 123 6.57 -23.10 -26.07
N PRO B 124 7.84 -23.22 -25.69
CA PRO B 124 8.88 -22.46 -26.37
C PRO B 124 8.97 -22.83 -27.84
N GLY B 125 9.25 -21.83 -28.67
CA GLY B 125 9.40 -22.06 -30.09
C GLY B 125 9.32 -20.76 -30.86
N GLU B 126 9.58 -20.87 -32.16
CA GLU B 126 9.44 -19.71 -33.03
C GLU B 126 7.98 -19.29 -33.19
N GLU B 127 7.06 -20.24 -33.10
CA GLU B 127 5.65 -19.91 -33.23
C GLU B 127 5.18 -19.10 -32.03
N LEU B 128 4.20 -18.23 -32.26
CA LEU B 128 3.63 -17.41 -31.21
C LEU B 128 2.41 -18.04 -30.57
N SER B 129 1.67 -18.87 -31.32
CA SER B 129 0.52 -19.60 -30.82
C SER B 129 0.67 -21.07 -31.14
N PRO B 130 1.60 -21.76 -30.47
CA PRO B 130 1.83 -23.18 -30.79
C PRO B 130 0.57 -24.02 -30.63
N THR B 131 0.36 -24.92 -31.58
CA THR B 131 -0.80 -25.82 -31.56
C THR B 131 -0.48 -27.17 -32.19
N GLY B 135 -4.72 -28.93 -32.96
CA GLY B 135 -5.14 -27.54 -33.11
C GLY B 135 -5.37 -26.83 -31.79
N LYS B 136 -5.00 -27.51 -30.70
CA LYS B 136 -5.17 -26.99 -29.35
C LYS B 136 -3.86 -26.37 -28.88
N VAL B 137 -3.97 -25.23 -28.19
CA VAL B 137 -2.80 -24.48 -27.77
C VAL B 137 -2.00 -25.27 -26.74
N ILE B 138 -0.68 -25.26 -26.89
CA ILE B 138 0.22 -26.04 -26.05
C ILE B 138 0.75 -25.11 -24.95
N PHE B 139 0.39 -25.40 -23.70
CA PHE B 139 0.84 -24.58 -22.58
C PHE B 139 2.23 -25.01 -22.12
N ASP B 140 2.86 -24.18 -21.30
CA ASP B 140 4.13 -24.49 -20.66
C ASP B 140 4.03 -24.12 -19.19
N ILE B 141 4.82 -24.80 -18.37
CA ILE B 141 4.87 -24.56 -16.93
C ILE B 141 6.21 -23.92 -16.60
N VAL B 142 6.16 -22.70 -16.06
CA VAL B 142 7.38 -21.96 -15.73
C VAL B 142 7.16 -21.19 -14.43
N ASP B 143 8.11 -21.36 -13.50
CA ASP B 143 8.16 -20.56 -12.28
C ASP B 143 8.36 -19.10 -12.69
N LEU B 144 7.31 -18.29 -12.62
CA LEU B 144 7.48 -16.93 -13.11
C LEU B 144 8.42 -16.11 -12.25
N CYS B 145 8.79 -16.60 -11.06
CA CYS B 145 9.83 -15.92 -10.29
C CYS B 145 11.19 -16.02 -10.97
N THR B 146 11.46 -17.13 -11.67
CA THR B 146 12.72 -17.23 -12.40
C THR B 146 12.71 -16.33 -13.63
N THR B 147 11.55 -16.22 -14.28
CA THR B 147 11.39 -15.25 -15.35
C THR B 147 11.67 -13.85 -14.86
N TRP B 148 11.14 -13.50 -13.67
CA TRP B 148 11.38 -12.19 -13.11
C TRP B 148 12.85 -11.96 -12.82
N GLU B 149 13.52 -12.96 -12.24
CA GLU B 149 14.95 -12.83 -11.98
C GLU B 149 15.69 -12.44 -13.25
N ALA B 150 15.35 -13.05 -14.37
CA ALA B 150 15.99 -12.71 -15.64
C ALA B 150 15.58 -11.31 -16.09
N MET B 151 14.33 -10.92 -15.84
CA MET B 151 13.93 -9.54 -16.11
C MET B 151 14.78 -8.57 -15.31
N GLU B 152 15.01 -8.89 -14.03
CA GLU B 152 15.85 -8.05 -13.19
C GLU B 152 17.26 -7.92 -13.76
N LYS B 153 17.81 -9.03 -14.26
CA LYS B 153 19.13 -8.97 -14.89
C LYS B 153 19.14 -8.04 -16.08
N CYS B 154 18.02 -7.96 -16.81
CA CYS B 154 17.93 -7.04 -17.94
C CYS B 154 18.01 -5.59 -17.49
N LYS B 155 17.31 -5.23 -16.40
CA LYS B 155 17.42 -3.89 -15.85
C LYS B 155 18.84 -3.60 -15.38
N ASP B 156 19.48 -4.58 -14.73
CA ASP B 156 20.85 -4.38 -14.30
C ASP B 156 21.80 -4.15 -15.47
N ALA B 157 21.48 -4.73 -16.63
CA ALA B 157 22.33 -4.57 -17.80
C ALA B 157 22.05 -3.29 -18.58
N GLY B 158 20.98 -2.59 -18.26
CA GLY B 158 20.65 -1.35 -18.94
C GLY B 158 19.83 -1.53 -20.20
N LEU B 159 19.39 -2.75 -20.51
CA LEU B 159 18.54 -2.96 -21.67
C LEU B 159 17.10 -2.52 -21.42
N ALA B 160 16.69 -2.50 -20.15
CA ALA B 160 15.36 -2.03 -19.75
C ALA B 160 15.54 -1.08 -18.59
N LYS B 161 15.02 0.14 -18.71
CA LYS B 161 15.11 1.07 -17.59
C LYS B 161 14.26 0.61 -16.42
N SER B 162 13.06 0.11 -16.73
CA SER B 162 12.11 -0.39 -15.76
C SER B 162 11.53 -1.69 -16.28
N ILE B 163 11.03 -2.51 -15.35
CA ILE B 163 10.43 -3.79 -15.69
C ILE B 163 9.10 -3.91 -14.97
N GLY B 164 8.18 -4.61 -15.60
CA GLY B 164 6.86 -4.78 -15.03
C GLY B 164 6.17 -5.99 -15.59
N VAL B 165 4.87 -6.08 -15.31
CA VAL B 165 4.08 -7.22 -15.74
C VAL B 165 2.77 -6.73 -16.36
N SER B 166 2.05 -7.68 -16.96
CA SER B 166 0.79 -7.40 -17.64
C SER B 166 -0.10 -8.62 -17.49
N ASN B 167 -1.40 -8.37 -17.25
CA ASN B 167 -2.43 -9.38 -17.14
C ASN B 167 -2.26 -10.26 -15.91
N PHE B 168 -1.58 -9.76 -14.88
CA PHE B 168 -1.44 -10.48 -13.62
C PHE B 168 -2.61 -10.17 -12.71
N ASN B 169 -3.06 -11.17 -11.96
CA ASN B 169 -4.03 -10.95 -10.90
C ASN B 169 -3.27 -10.76 -9.58
N ARG B 170 -4.03 -10.58 -8.50
CA ARG B 170 -3.40 -10.27 -7.21
C ARG B 170 -2.48 -11.40 -6.77
N ARG B 171 -2.95 -12.65 -6.88
CA ARG B 171 -2.16 -13.79 -6.44
C ARG B 171 -0.84 -13.86 -7.19
N GLN B 172 -0.89 -13.63 -8.51
CA GLN B 172 0.32 -13.71 -9.32
C GLN B 172 1.27 -12.57 -8.99
N LEU B 173 0.74 -11.37 -8.75
CA LEU B 173 1.60 -10.28 -8.28
C LEU B 173 2.25 -10.65 -6.95
N GLU B 174 1.47 -11.22 -6.02
CA GLU B 174 2.01 -11.58 -4.71
CA GLU B 174 2.02 -11.57 -4.71
C GLU B 174 3.15 -12.58 -4.84
N MET B 175 3.04 -13.50 -5.80
CA MET B 175 4.12 -14.46 -6.05
C MET B 175 5.44 -13.73 -6.28
N ILE B 176 5.43 -12.70 -7.13
CA ILE B 176 6.64 -11.92 -7.38
C ILE B 176 7.02 -11.10 -6.17
N LEU B 177 6.04 -10.39 -5.58
CA LEU B 177 6.35 -9.48 -4.48
C LEU B 177 6.93 -10.22 -3.28
N ASN B 178 6.53 -11.47 -3.06
CA ASN B 178 6.98 -12.22 -1.91
C ASN B 178 8.20 -13.09 -2.20
N LYS B 179 8.81 -12.95 -3.36
CA LYS B 179 9.90 -13.84 -3.74
C LYS B 179 11.13 -13.56 -2.87
N PRO B 180 11.78 -14.60 -2.34
CA PRO B 180 13.01 -14.36 -1.56
C PRO B 180 14.07 -13.70 -2.42
N GLY B 181 14.72 -12.69 -1.88
CA GLY B 181 15.77 -12.01 -2.60
C GLY B 181 15.31 -11.10 -3.72
N LEU B 182 14.03 -10.78 -3.77
CA LEU B 182 13.53 -9.85 -4.78
C LEU B 182 14.37 -8.58 -4.82
N LYS B 183 14.77 -8.17 -6.01
CA LYS B 183 15.54 -6.94 -6.17
C LYS B 183 14.70 -5.77 -6.63
N TYR B 184 13.83 -5.97 -7.61
CA TYR B 184 12.99 -4.89 -8.13
C TYR B 184 11.54 -5.36 -8.16
N LYS B 185 10.66 -4.60 -7.52
CA LYS B 185 9.24 -4.80 -7.73
C LYS B 185 8.88 -4.50 -9.18
N PRO B 186 7.85 -5.13 -9.73
CA PRO B 186 7.27 -4.63 -10.97
C PRO B 186 6.86 -3.19 -10.78
N VAL B 187 7.13 -2.35 -11.79
CA VAL B 187 6.70 -0.95 -11.67
C VAL B 187 5.22 -0.81 -11.98
N CYS B 188 4.64 -1.78 -12.68
CA CYS B 188 3.29 -1.64 -13.18
C CYS B 188 2.71 -3.01 -13.48
N ASN B 189 1.39 -3.03 -13.60
CA ASN B 189 0.61 -4.18 -14.06
C ASN B 189 -0.33 -3.62 -15.12
N GLN B 190 -0.07 -3.93 -16.38
CA GLN B 190 -0.91 -3.47 -17.48
C GLN B 190 -2.04 -4.47 -17.69
N VAL B 191 -3.28 -4.01 -17.53
CA VAL B 191 -4.45 -4.88 -17.51
C VAL B 191 -5.60 -4.20 -18.23
N GLU B 192 -6.59 -5.01 -18.61
CA GLU B 192 -7.83 -4.46 -19.16
C GLU B 192 -8.55 -3.65 -18.09
N CYS B 193 -8.94 -2.43 -18.45
CA CYS B 193 -9.51 -1.51 -17.48
C CYS B 193 -10.28 -0.43 -18.20
N HIS B 194 -11.54 -0.24 -17.86
CA HIS B 194 -12.41 0.73 -18.49
C HIS B 194 -13.65 0.84 -17.60
N PRO B 195 -14.55 1.78 -17.86
CA PRO B 195 -15.67 1.99 -16.92
C PRO B 195 -16.56 0.77 -16.70
N TYR B 196 -16.57 -0.19 -17.60
CA TYR B 196 -17.38 -1.39 -17.40
C TYR B 196 -16.64 -2.49 -16.64
N PHE B 197 -15.34 -2.33 -16.41
CA PHE B 197 -14.47 -3.33 -15.80
C PHE B 197 -13.35 -2.51 -15.19
N ASN B 198 -13.64 -1.75 -14.13
CA ASN B 198 -12.73 -0.68 -13.71
C ASN B 198 -11.65 -1.17 -12.75
N ARG B 199 -11.69 -2.44 -12.36
CA ARG B 199 -10.61 -3.09 -11.60
C ARG B 199 -10.34 -2.37 -10.28
N SER B 200 -11.40 -1.89 -9.62
CA SER B 200 -11.19 -1.07 -8.43
C SER B 200 -10.41 -1.82 -7.35
N LYS B 201 -10.73 -3.12 -7.15
CA LYS B 201 -10.02 -3.88 -6.12
C LYS B 201 -8.56 -4.10 -6.50
N LEU B 202 -8.30 -4.53 -7.74
CA LEU B 202 -6.91 -4.70 -8.17
C LEU B 202 -6.18 -3.37 -8.12
N LEU B 203 -6.86 -2.28 -8.47
CA LEU B 203 -6.23 -0.96 -8.42
C LEU B 203 -5.80 -0.62 -7.01
N ASP B 204 -6.71 -0.81 -6.04
CA ASP B 204 -6.36 -0.56 -4.65
CA ASP B 204 -6.35 -0.54 -4.66
C ASP B 204 -5.15 -1.38 -4.23
N PHE B 205 -5.13 -2.65 -4.63
CA PHE B 205 -4.00 -3.51 -4.28
C PHE B 205 -2.70 -2.96 -4.87
N CYS B 206 -2.70 -2.63 -6.16
CA CYS B 206 -1.49 -2.09 -6.77
C CYS B 206 -1.05 -0.81 -6.06
N LYS B 207 -1.99 0.08 -5.77
CA LYS B 207 -1.64 1.29 -5.04
C LYS B 207 -0.95 0.95 -3.71
N SER B 208 -1.50 0.00 -2.97
CA SER B 208 -0.93 -0.32 -1.66
C SER B 208 0.46 -0.92 -1.77
N LYS B 209 0.84 -1.38 -2.94
CA LYS B 209 2.14 -1.99 -3.18
C LYS B 209 3.10 -1.10 -3.96
N ASP B 210 2.68 0.12 -4.32
CA ASP B 210 3.53 1.04 -5.09
C ASP B 210 3.71 0.51 -6.52
N ILE B 211 2.66 -0.08 -7.08
CA ILE B 211 2.63 -0.56 -8.46
C ILE B 211 1.59 0.25 -9.23
N VAL B 212 1.96 0.71 -10.42
CA VAL B 212 1.05 1.48 -11.26
C VAL B 212 0.17 0.52 -12.05
N LEU B 213 -1.13 0.77 -12.06
CA LEU B 213 -2.01 0.06 -12.98
C LEU B 213 -2.05 0.84 -14.29
N VAL B 214 -1.83 0.13 -15.39
CA VAL B 214 -1.88 0.71 -16.73
C VAL B 214 -3.07 0.08 -17.44
N ALA B 215 -3.97 0.91 -17.95
CA ALA B 215 -5.20 0.38 -18.54
C ALA B 215 -5.04 0.20 -20.05
N TYR B 216 -5.34 -1.00 -20.54
CA TYR B 216 -5.55 -1.24 -21.96
C TYR B 216 -7.03 -1.52 -22.22
N SER B 217 -7.41 -1.39 -23.49
CA SER B 217 -8.82 -1.43 -23.90
C SER B 217 -9.63 -0.43 -23.07
N ALA B 218 -9.00 0.71 -22.78
CA ALA B 218 -9.67 1.76 -22.03
C ALA B 218 -10.79 2.43 -22.81
N LEU B 219 -10.79 2.27 -24.13
CA LEU B 219 -11.86 2.80 -24.97
C LEU B 219 -12.85 1.73 -25.39
N GLY B 220 -12.77 0.55 -24.77
CA GLY B 220 -13.69 -0.54 -25.07
C GLY B 220 -13.12 -1.59 -26.00
N SER B 221 -11.84 -1.51 -26.35
CA SER B 221 -11.16 -2.47 -27.22
C SER B 221 -11.50 -2.25 -28.68
N GLN B 222 -10.72 -2.88 -29.57
CA GLN B 222 -10.95 -2.79 -31.00
C GLN B 222 -12.11 -3.67 -31.46
N ARG B 223 -12.71 -4.43 -30.54
CA ARG B 223 -13.87 -5.26 -30.86
C ARG B 223 -13.57 -6.20 -32.03
N ASP B 224 -12.37 -6.77 -32.01
CA ASP B 224 -11.98 -7.75 -33.02
C ASP B 224 -12.87 -8.99 -32.92
N LYS B 225 -13.50 -9.37 -34.03
CA LYS B 225 -14.48 -10.45 -34.01
C LYS B 225 -13.86 -11.75 -33.55
N ARG B 226 -12.57 -11.97 -33.82
CA ARG B 226 -11.92 -13.21 -33.42
C ARG B 226 -11.71 -13.31 -31.92
N TRP B 227 -11.91 -12.23 -31.16
CA TRP B 227 -11.62 -12.27 -29.74
C TRP B 227 -12.55 -11.43 -28.88
N VAL B 228 -13.56 -10.80 -29.45
CA VAL B 228 -14.51 -9.97 -28.71
C VAL B 228 -15.90 -10.30 -29.20
N ASP B 229 -16.83 -10.48 -28.29
CA ASP B 229 -18.17 -10.87 -28.68
C ASP B 229 -18.95 -9.66 -29.19
N PRO B 230 -19.56 -9.73 -30.38
CA PRO B 230 -20.27 -8.55 -30.90
C PRO B 230 -21.47 -8.15 -30.07
N ASN B 231 -22.08 -9.09 -29.34
CA ASN B 231 -23.21 -8.74 -28.50
C ASN B 231 -22.80 -7.91 -27.29
N SER B 232 -21.52 -7.90 -26.92
CA SER B 232 -21.10 -7.12 -25.77
C SER B 232 -21.40 -5.64 -26.01
N PRO B 233 -21.67 -4.88 -24.96
CA PRO B 233 -22.02 -3.47 -25.16
C PRO B 233 -20.84 -2.66 -25.66
N VAL B 234 -21.14 -1.67 -26.49
CA VAL B 234 -20.12 -0.75 -27.00
C VAL B 234 -19.89 0.33 -25.96
N LEU B 235 -18.67 0.37 -25.42
CA LEU B 235 -18.40 1.25 -24.28
C LEU B 235 -18.69 2.70 -24.62
N LEU B 236 -18.28 3.15 -25.79
CA LEU B 236 -18.41 4.57 -26.14
C LEU B 236 -19.82 4.96 -26.52
N GLU B 237 -20.79 4.05 -26.42
CA GLU B 237 -22.20 4.37 -26.58
C GLU B 237 -22.92 4.47 -25.24
N ASP B 238 -22.18 4.47 -24.14
CA ASP B 238 -22.81 4.44 -22.83
C ASP B 238 -23.55 5.74 -22.56
N PRO B 239 -24.81 5.68 -22.12
CA PRO B 239 -25.55 6.93 -21.88
C PRO B 239 -24.83 7.90 -20.95
N VAL B 240 -24.26 7.37 -19.86
CA VAL B 240 -23.62 8.23 -18.87
C VAL B 240 -22.36 8.87 -19.44
N LEU B 241 -21.58 8.10 -20.19
CA LEU B 241 -20.40 8.68 -20.84
C LEU B 241 -20.83 9.77 -21.82
N CYS B 242 -21.87 9.52 -22.62
CA CYS B 242 -22.30 10.50 -23.60
C CYS B 242 -22.85 11.75 -22.91
N ALA B 243 -23.59 11.57 -21.82
CA ALA B 243 -24.12 12.73 -21.09
C ALA B 243 -22.97 13.57 -20.51
N LEU B 244 -21.93 12.92 -19.98
CA LEU B 244 -20.79 13.67 -19.49
C LEU B 244 -20.03 14.33 -20.65
N ALA B 245 -19.99 13.67 -21.81
CA ALA B 245 -19.36 14.28 -22.98
C ALA B 245 -20.11 15.54 -23.40
N LYS B 246 -21.45 15.48 -23.40
CA LYS B 246 -22.24 16.67 -23.71
C LYS B 246 -21.95 17.77 -22.70
N LYS B 247 -21.97 17.42 -21.41
CA LYS B 247 -21.72 18.40 -20.36
C LYS B 247 -20.40 19.14 -20.56
N HIS B 248 -19.32 18.39 -20.76
CA HIS B 248 -17.99 18.97 -20.82
C HIS B 248 -17.59 19.40 -22.22
N LYS B 249 -18.47 19.27 -23.20
CA LYS B 249 -18.16 19.62 -24.58
C LYS B 249 -16.98 18.80 -25.09
N ARG B 250 -16.94 17.52 -24.72
CA ARG B 250 -15.90 16.61 -25.20
C ARG B 250 -16.53 15.46 -25.96
N THR B 251 -15.91 14.29 -25.88
CA THR B 251 -16.35 13.08 -26.54
C THR B 251 -16.35 11.94 -25.53
N PRO B 252 -17.20 10.93 -25.70
CA PRO B 252 -17.15 9.79 -24.78
C PRO B 252 -15.72 9.29 -24.58
N ALA B 253 -14.97 9.08 -25.67
CA ALA B 253 -13.60 8.58 -25.56
C ALA B 253 -12.78 9.41 -24.60
N LEU B 254 -12.88 10.74 -24.69
CA LEU B 254 -12.13 11.62 -23.80
C LEU B 254 -12.60 11.46 -22.35
N ILE B 255 -13.90 11.25 -22.14
CA ILE B 255 -14.37 11.02 -20.78
C ILE B 255 -13.74 9.75 -20.22
N ALA B 256 -13.73 8.68 -21.02
CA ALA B 256 -13.20 7.41 -20.52
C ALA B 256 -11.70 7.52 -20.23
N LEU B 257 -10.97 8.28 -21.06
CA LEU B 257 -9.55 8.45 -20.80
C LEU B 257 -9.31 9.30 -19.55
N ARG B 258 -10.04 10.41 -19.41
CA ARG B 258 -9.86 11.28 -18.24
C ARG B 258 -10.26 10.58 -16.96
N TYR B 259 -11.29 9.73 -17.01
CA TYR B 259 -11.66 8.91 -15.86
C TYR B 259 -10.43 8.19 -15.29
N GLN B 260 -9.66 7.53 -16.16
CA GLN B 260 -8.51 6.77 -15.66
C GLN B 260 -7.47 7.69 -15.05
N LEU B 261 -7.19 8.83 -15.69
CA LEU B 261 -6.15 9.72 -15.19
C LEU B 261 -6.47 10.22 -13.79
N GLN B 262 -7.75 10.51 -13.52
CA GLN B 262 -8.11 11.08 -12.23
C GLN B 262 -8.23 10.03 -11.13
N ARG B 263 -8.23 8.75 -11.47
CA ARG B 263 -8.20 7.71 -10.45
C ARG B 263 -6.82 7.10 -10.30
N GLY B 264 -5.79 7.74 -10.85
CA GLY B 264 -4.43 7.29 -10.67
C GLY B 264 -4.00 6.19 -11.61
N VAL B 265 -4.70 6.01 -12.72
CA VAL B 265 -4.43 4.93 -13.67
C VAL B 265 -3.74 5.54 -14.89
N VAL B 266 -2.64 4.93 -15.32
CA VAL B 266 -2.01 5.31 -16.58
C VAL B 266 -2.80 4.67 -17.70
N VAL B 267 -3.11 5.43 -18.75
CA VAL B 267 -4.09 4.97 -19.73
C VAL B 267 -3.48 4.96 -21.12
N LEU B 268 -3.70 3.86 -21.84
CA LEU B 268 -3.34 3.73 -23.24
C LEU B 268 -4.57 4.00 -24.11
N ALA B 269 -4.30 4.46 -25.32
CA ALA B 269 -5.34 4.76 -26.31
C ALA B 269 -4.80 4.39 -27.68
N LYS B 270 -5.38 3.37 -28.30
CA LYS B 270 -4.98 3.02 -29.66
C LYS B 270 -5.89 3.71 -30.65
N SER B 271 -5.30 4.35 -31.66
CA SER B 271 -6.05 4.83 -32.81
C SER B 271 -5.10 4.85 -34.00
N TYR B 272 -5.57 4.35 -35.14
CA TYR B 272 -4.88 4.48 -36.41
C TYR B 272 -5.53 5.55 -37.29
N ASN B 273 -6.26 6.47 -36.67
CA ASN B 273 -6.98 7.54 -37.35
C ASN B 273 -6.39 8.86 -36.92
N GLU B 274 -5.95 9.67 -37.88
CA GLU B 274 -5.20 10.88 -37.54
C GLU B 274 -6.05 11.82 -36.69
N GLN B 275 -7.32 12.00 -37.06
CA GLN B 275 -8.17 12.91 -36.30
C GLN B 275 -8.37 12.40 -34.86
N ARG B 276 -8.60 11.10 -34.68
CA ARG B 276 -8.85 10.60 -33.33
C ARG B 276 -7.56 10.53 -32.51
N ILE B 277 -6.42 10.29 -33.17
CA ILE B 277 -5.13 10.39 -32.49
C ILE B 277 -4.98 11.79 -31.89
N ARG B 278 -5.20 12.81 -32.71
CA ARG B 278 -5.05 14.19 -32.26
C ARG B 278 -6.13 14.57 -31.24
N GLN B 279 -7.32 13.98 -31.38
CA GLN B 279 -8.36 14.25 -30.38
C GLN B 279 -7.94 13.73 -29.00
N ASN B 280 -7.33 12.55 -28.96
CA ASN B 280 -7.13 11.88 -27.68
C ASN B 280 -6.18 12.64 -26.76
N VAL B 281 -5.27 13.44 -27.31
CA VAL B 281 -4.37 14.19 -26.44
C VAL B 281 -5.08 15.32 -25.73
N GLN B 282 -6.31 15.64 -26.13
CA GLN B 282 -7.11 16.67 -25.46
C GLN B 282 -7.50 16.26 -24.03
N VAL B 283 -7.16 15.03 -23.63
CA VAL B 283 -7.52 14.57 -22.29
C VAL B 283 -6.94 15.47 -21.21
N PHE B 284 -5.88 16.20 -21.50
CA PHE B 284 -5.26 17.06 -20.50
C PHE B 284 -5.91 18.42 -20.37
N GLU B 285 -6.92 18.70 -21.18
CA GLU B 285 -7.48 20.03 -21.29
C GLU B 285 -8.72 20.25 -20.43
N PHE B 286 -9.28 19.21 -19.84
CA PHE B 286 -10.46 19.37 -18.99
C PHE B 286 -10.34 18.45 -17.80
N GLN B 287 -11.13 18.73 -16.77
CA GLN B 287 -11.13 17.97 -15.54
C GLN B 287 -12.57 17.58 -15.22
N LEU B 288 -12.72 16.35 -14.72
CA LEU B 288 -14.01 15.85 -14.28
C LEU B 288 -14.20 16.14 -12.80
N THR B 289 -15.45 16.41 -12.40
CA THR B 289 -15.73 16.61 -10.99
C THR B 289 -15.74 15.28 -10.24
N ALA B 290 -15.60 15.36 -8.91
CA ALA B 290 -15.76 14.18 -8.08
C ALA B 290 -17.08 13.50 -8.35
N GLU B 291 -18.14 14.28 -8.50
CA GLU B 291 -19.46 13.72 -8.80
C GLU B 291 -19.45 12.97 -10.13
N ASP B 292 -18.78 13.53 -11.14
CA ASP B 292 -18.66 12.85 -12.42
C ASP B 292 -17.95 11.51 -12.25
N MET B 293 -16.91 11.48 -11.43
CA MET B 293 -16.16 10.23 -11.26
C MET B 293 -17.03 9.15 -10.63
N LYS B 294 -17.83 9.51 -9.62
CA LYS B 294 -18.73 8.53 -9.02
C LYS B 294 -19.78 8.08 -10.03
N ALA B 295 -20.23 8.99 -10.91
CA ALA B 295 -21.12 8.58 -11.99
C ALA B 295 -20.45 7.51 -12.84
N ILE B 296 -19.19 7.72 -13.22
CA ILE B 296 -18.50 6.72 -14.02
C ILE B 296 -18.22 5.47 -13.17
N ASP B 297 -17.86 5.66 -11.90
CA ASP B 297 -17.64 4.51 -11.02
C ASP B 297 -18.84 3.57 -11.03
N GLY B 298 -20.03 4.13 -11.07
CA GLY B 298 -21.24 3.32 -11.06
C GLY B 298 -21.50 2.53 -12.31
N LEU B 299 -20.65 2.65 -13.32
CA LEU B 299 -20.82 1.90 -14.56
C LEU B 299 -20.25 0.50 -14.48
N ASP B 300 -19.42 0.22 -13.48
CA ASP B 300 -18.70 -1.05 -13.42
C ASP B 300 -19.66 -2.23 -13.52
N ARG B 301 -19.29 -3.22 -14.34
CA ARG B 301 -20.14 -4.41 -14.48
C ARG B 301 -19.35 -5.67 -14.78
N ASN B 302 -18.04 -5.70 -14.50
CA ASN B 302 -17.23 -6.91 -14.60
C ASN B 302 -17.28 -7.54 -15.99
N LEU B 303 -17.27 -6.69 -17.01
CA LEU B 303 -17.25 -7.14 -18.40
C LEU B 303 -15.83 -7.01 -18.94
N HIS B 304 -15.20 -8.12 -19.30
CA HIS B 304 -13.93 -8.05 -20.01
C HIS B 304 -14.14 -8.47 -21.46
N TYR B 305 -13.70 -7.61 -22.38
CA TYR B 305 -13.90 -7.81 -23.81
C TYR B 305 -13.05 -8.93 -24.37
N PHE B 306 -11.94 -9.25 -23.73
CA PHE B 306 -11.16 -10.42 -24.10
C PHE B 306 -11.62 -11.61 -23.26
N SER B 310 -11.27 -20.00 -23.87
CA SER B 310 -10.43 -21.15 -24.17
C SER B 310 -9.22 -21.21 -23.24
N PHE B 311 -8.57 -20.06 -23.04
CA PHE B 311 -7.44 -20.00 -22.12
C PHE B 311 -7.85 -20.22 -20.67
N ALA B 312 -9.13 -20.48 -20.39
CA ALA B 312 -9.58 -20.66 -19.02
C ALA B 312 -8.97 -21.90 -18.38
N SER B 313 -8.53 -22.87 -19.18
CA SER B 313 -7.93 -24.08 -18.62
C SER B 313 -6.46 -23.91 -18.25
N HIS B 314 -5.80 -22.88 -18.77
CA HIS B 314 -4.41 -22.64 -18.41
C HIS B 314 -4.30 -22.50 -16.88
N PRO B 315 -3.35 -23.18 -16.24
CA PRO B 315 -3.25 -23.09 -14.77
C PRO B 315 -2.94 -21.68 -14.27
N ASN B 316 -2.49 -20.77 -15.12
CA ASN B 316 -2.22 -19.39 -14.72
C ASN B 316 -3.22 -18.40 -15.30
N TYR B 317 -4.40 -18.87 -15.69
CA TYR B 317 -5.47 -18.00 -16.14
C TYR B 317 -5.79 -16.97 -15.05
N PRO B 318 -5.69 -15.67 -15.33
CA PRO B 318 -5.78 -14.69 -14.23
C PRO B 318 -7.19 -14.31 -13.80
N TYR B 319 -8.21 -14.61 -14.60
CA TYR B 319 -9.58 -14.23 -14.27
C TYR B 319 -10.33 -15.30 -13.48
N SER B 320 -9.63 -16.35 -13.03
CA SER B 320 -10.27 -17.38 -12.21
C SER B 320 -10.44 -16.96 -10.76
N ASP B 321 -9.75 -15.90 -10.32
CA ASP B 321 -9.91 -15.34 -8.98
C ASP B 321 -10.78 -14.09 -9.02
N GLU B 322 -11.31 -13.72 -7.86
CA GLU B 322 -12.10 -12.49 -7.76
C GLU B 322 -11.34 -11.31 -8.33
N TYR B 323 -10.05 -11.20 -8.02
CA TYR B 323 -9.16 -10.19 -8.59
C TYR B 323 -7.71 -10.56 -8.30
#